data_1U5A
#
_entry.id   1U5A
#
_cell.length_a   80.206
_cell.length_b   85.263
_cell.length_c   91.828
_cell.angle_alpha   90.00
_cell.angle_beta   90.00
_cell.angle_gamma   90.00
#
_symmetry.space_group_name_H-M   'I 2 2 2'
#
loop_
_entity.id
_entity.type
_entity.pdbx_description
1 polymer 'L-lactate dehydrogenase'
2 non-polymer '3,7-DIHYDROXY-2-NAPHTHOIC ACID'
3 water water
#
_entity_poly.entity_id   1
_entity_poly.type   'polypeptide(L)'
_entity_poly.pdbx_seq_one_letter_code
;APKAKIVLVGSGMIGGVMATLIVQKNLGDVVLFDIVKNMPHGKALDTSHTNVMAYSNCKVSGSNTYDDLAGADVVIVTAG
FTKAPGKSDKEWNRDDLLPLNNKIMIEIGGHIKKNCPNAFIIVVTNPVDVMVQLLHQHSGVPKNKIIGLGGVLDTSRLKY
YISQKLNVCPRDVNAHIVGAHGNKMVLLKRYITVGGIPLQEFINNKLISDAELEAIFDRTVNTALEIVNLHASPYVAPAA
AIIEMAESYLKDLKKVLICSTLLEGQYGHSDIFGGTPVVLGANGVEQVIELQLNSEEKAKFDEAIAETKRMKALAHHHHH
H
;
_entity_poly.pdbx_strand_id   A
#
loop_
_chem_comp.id
_chem_comp.type
_chem_comp.name
_chem_comp.formula
BIK non-polymer '3,7-DIHYDROXY-2-NAPHTHOIC ACID' 'C11 H8 O4'
#
# COMPACT_ATOMS: atom_id res chain seq x y z
N ALA A 1 1.17 27.92 -3.49
CA ALA A 1 1.71 27.79 -2.11
C ALA A 1 2.45 26.46 -1.97
N PRO A 2 3.28 26.32 -0.92
CA PRO A 2 4.02 25.07 -0.70
C PRO A 2 3.19 24.03 0.06
N LYS A 3 1.84 24.09 0.02
CA LYS A 3 1.06 22.90 0.39
C LYS A 3 1.51 21.78 -0.56
N ALA A 4 1.55 20.55 -0.07
CA ALA A 4 1.82 19.40 -0.92
C ALA A 4 0.72 19.24 -1.95
N LYS A 5 1.08 18.77 -3.15
CA LYS A 5 0.10 18.41 -4.16
C LYS A 5 0.10 16.89 -4.27
N ILE A 6 -1.08 16.26 -4.16
CA ILE A 6 -1.21 14.80 -4.12
C ILE A 6 -2.13 14.43 -5.24
N VAL A 7 -1.60 13.71 -6.25
CA VAL A 7 -2.40 13.30 -7.40
C VAL A 7 -2.74 11.84 -7.26
N LEU A 8 -4.03 11.57 -7.31
CA LEU A 8 -4.58 10.24 -7.24
C LEU A 8 -4.87 9.82 -8.66
N VAL A 9 -4.01 8.99 -9.21
CA VAL A 9 -4.15 8.44 -10.55
C VAL A 9 -5.06 7.23 -10.41
N GLY A 10 -6.33 7.51 -10.64
CA GLY A 10 -7.43 6.58 -10.43
C GLY A 10 -8.36 7.16 -9.38
N SER A 11 -9.63 7.35 -9.74
CA SER A 11 -10.63 8.02 -8.90
C SER A 11 -11.81 7.11 -8.61
N GLY A 12 -11.53 5.83 -8.41
CA GLY A 12 -12.57 4.88 -8.09
C GLY A 12 -12.83 4.94 -6.60
N MET A 13 -13.27 3.83 -6.03
CA MET A 13 -13.63 3.80 -4.61
C MET A 13 -12.47 4.09 -3.68
N ILE A 14 -11.31 3.50 -3.96
CA ILE A 14 -10.14 3.73 -3.09
C ILE A 14 -9.75 5.19 -3.18
N GLY A 15 -9.75 5.73 -4.41
CA GLY A 15 -9.45 7.14 -4.63
C GLY A 15 -10.37 8.06 -3.88
N GLY A 16 -11.67 7.76 -3.85
CA GLY A 16 -12.61 8.61 -3.17
C GLY A 16 -12.39 8.63 -1.67
N VAL A 17 -12.04 7.40 -1.04
CA VAL A 17 -11.79 7.43 0.41
C VAL A 17 -10.48 8.17 0.70
N MET A 18 -9.48 8.01 -0.17
CA MET A 18 -8.20 8.69 0.02
C MET A 18 -8.38 10.20 0.03
N ALA A 19 -9.16 10.72 -0.92
CA ALA A 19 -9.43 12.15 -0.97
C ALA A 19 -10.08 12.65 0.30
N THR A 20 -11.10 11.92 0.76
CA THR A 20 -11.76 12.25 2.02
C THR A 20 -10.81 12.36 3.17
N LEU A 21 -9.94 11.36 3.30
CA LEU A 21 -9.00 11.31 4.40
C LEU A 21 -7.93 12.41 4.33
N ILE A 22 -7.52 12.76 3.13
CA ILE A 22 -6.53 13.81 2.95
C ILE A 22 -7.11 15.14 3.44
N VAL A 23 -8.37 15.41 3.12
CA VAL A 23 -9.04 16.61 3.58
C VAL A 23 -9.20 16.59 5.11
N GLN A 24 -9.66 15.45 5.64
CA GLN A 24 -9.85 15.29 7.09
C GLN A 24 -8.54 15.63 7.83
N LYS A 25 -7.44 15.19 7.24
CA LYS A 25 -6.09 15.36 7.83
C LYS A 25 -5.38 16.60 7.34
N ASN A 26 -6.02 17.37 6.47
CA ASN A 26 -5.43 18.57 5.89
C ASN A 26 -4.01 18.35 5.31
N LEU A 27 -3.81 17.23 4.58
CA LEU A 27 -2.47 16.82 4.17
C LEU A 27 -1.95 17.53 2.94
N GLY A 28 -2.84 18.02 2.10
CA GLY A 28 -2.43 18.73 0.91
C GLY A 28 -3.55 18.88 -0.07
N ASP A 29 -3.29 19.64 -1.15
CA ASP A 29 -4.23 19.74 -2.24
C ASP A 29 -4.30 18.39 -2.97
N VAL A 30 -5.55 18.00 -3.50
CA VAL A 30 -5.78 16.71 -4.11
C VAL A 30 -6.22 16.88 -5.54
N VAL A 31 -5.63 16.10 -6.43
CA VAL A 31 -6.21 15.91 -7.76
C VAL A 31 -6.73 14.48 -7.92
N LEU A 32 -8.02 14.34 -8.16
CA LEU A 32 -8.63 13.07 -8.53
C LEU A 32 -8.57 12.98 -10.06
N PHE A 33 -7.62 12.19 -10.54
CA PHE A 33 -7.43 11.96 -11.96
C PHE A 33 -8.04 10.66 -12.38
N ASP A 34 -8.76 10.66 -13.49
CA ASP A 34 -9.20 9.41 -14.05
C ASP A 34 -9.36 9.56 -15.57
N ILE A 35 -9.33 8.40 -16.22
CA ILE A 35 -9.65 8.30 -17.63
C ILE A 35 -11.13 8.58 -17.89
N VAL A 36 -11.99 8.29 -16.91
CA VAL A 36 -13.44 8.48 -17.08
C VAL A 36 -13.78 9.96 -17.07
N LYS A 37 -14.48 10.41 -18.12
CA LYS A 37 -14.85 11.81 -18.23
C LYS A 37 -15.79 12.20 -17.11
N ASN A 38 -15.51 13.36 -16.54
CA ASN A 38 -16.38 14.08 -15.60
C ASN A 38 -16.59 13.51 -14.18
N MET A 39 -16.69 12.20 -14.03
CA MET A 39 -16.80 11.59 -12.70
C MET A 39 -15.81 12.10 -11.61
N PRO A 40 -14.51 12.18 -11.90
CA PRO A 40 -13.58 12.73 -10.91
C PRO A 40 -13.91 14.16 -10.52
N HIS A 41 -14.37 15.00 -11.47
CA HIS A 41 -14.85 16.34 -11.13
C HIS A 41 -16.02 16.31 -10.11
N GLY A 42 -16.94 15.37 -10.27
CA GLY A 42 -18.08 15.26 -9.38
C GLY A 42 -17.70 14.82 -7.96
N LYS A 43 -16.84 13.80 -7.87
CA LYS A 43 -16.34 13.35 -6.57
C LYS A 43 -15.51 14.42 -5.92
N ALA A 44 -14.72 15.13 -6.72
CA ALA A 44 -13.88 16.22 -6.19
C ALA A 44 -14.76 17.32 -5.58
N LEU A 45 -15.84 17.65 -6.27
CA LEU A 45 -16.72 18.71 -5.84
C LEU A 45 -17.35 18.35 -4.49
N ASP A 46 -17.91 17.15 -4.44
CA ASP A 46 -18.51 16.60 -3.24
C ASP A 46 -17.51 16.67 -2.07
N THR A 47 -16.31 16.18 -2.33
CA THR A 47 -15.26 16.11 -1.32
C THR A 47 -14.80 17.49 -0.82
N SER A 48 -14.73 18.45 -1.73
CA SER A 48 -14.26 19.81 -1.43
C SER A 48 -15.08 20.47 -0.33
N HIS A 49 -16.39 20.20 -0.29
CA HIS A 49 -17.25 20.84 0.68
C HIS A 49 -16.89 20.44 2.10
N THR A 50 -16.28 19.27 2.25
CA THR A 50 -15.95 18.77 3.58
C THR A 50 -14.84 19.59 4.24
N ASN A 51 -14.17 20.48 3.51
CA ASN A 51 -13.20 21.38 4.15
C ASN A 51 -13.86 22.16 5.29
N VAL A 52 -15.15 22.45 5.12
CA VAL A 52 -15.86 23.27 6.08
C VAL A 52 -16.01 22.47 7.39
N MET A 53 -16.54 21.25 7.27
CA MET A 53 -16.72 20.36 8.42
C MET A 53 -15.38 19.99 9.12
N ALA A 54 -14.29 19.97 8.37
CA ALA A 54 -13.02 19.43 8.85
C ALA A 54 -12.06 20.53 9.33
N TYR A 55 -12.45 21.78 9.13
CA TYR A 55 -11.60 22.94 9.47
C TYR A 55 -10.32 22.90 8.64
N SER A 56 -10.41 22.40 7.41
CA SER A 56 -9.24 22.23 6.56
C SER A 56 -9.26 23.27 5.43
N ASN A 57 -8.14 23.33 4.70
CA ASN A 57 -8.09 24.11 3.48
C ASN A 57 -7.28 23.38 2.40
N CYS A 58 -7.83 22.27 1.91
CA CYS A 58 -7.27 21.55 0.78
C CYS A 58 -8.12 21.68 -0.46
N LYS A 59 -7.54 22.12 -1.56
CA LYS A 59 -8.24 22.08 -2.83
C LYS A 59 -8.45 20.64 -3.23
N VAL A 60 -9.62 20.33 -3.79
CA VAL A 60 -9.88 19.03 -4.36
C VAL A 60 -10.45 19.28 -5.73
N SER A 61 -9.71 18.83 -6.74
CA SER A 61 -10.10 19.04 -8.12
C SER A 61 -10.06 17.71 -8.87
N GLY A 62 -10.90 17.61 -9.89
CA GLY A 62 -10.93 16.49 -10.80
C GLY A 62 -10.02 16.80 -11.97
N SER A 63 -9.63 15.74 -12.68
CA SER A 63 -8.78 15.86 -13.85
C SER A 63 -8.96 14.66 -14.77
N ASN A 64 -8.96 15.11 -16.27
CA ASN A 64 -8.86 14.05 -17.25
C ASN A 64 -7.63 14.27 -18.09
N THR A 65 -6.65 14.98 -17.53
CA THR A 65 -5.46 15.38 -18.26
C THR A 65 -4.23 14.98 -17.49
N TYR A 66 -3.38 14.18 -18.10
CA TYR A 66 -2.15 13.74 -17.48
C TYR A 66 -1.23 14.88 -17.11
N ASP A 67 -1.29 16.00 -17.83
CA ASP A 67 -0.36 17.09 -17.53
C ASP A 67 -0.60 17.72 -16.12
N ASP A 68 -1.73 17.44 -15.49
CA ASP A 68 -1.98 17.83 -14.10
C ASP A 68 -1.13 17.12 -13.05
N LEU A 69 -0.35 16.14 -13.50
CA LEU A 69 0.73 15.59 -12.71
C LEU A 69 1.84 16.59 -12.39
N ALA A 70 1.93 17.68 -13.16
CA ALA A 70 2.98 18.67 -12.96
C ALA A 70 2.98 19.20 -11.53
N GLY A 71 4.15 19.22 -10.91
CA GLY A 71 4.27 19.71 -9.55
C GLY A 71 3.82 18.77 -8.46
N ALA A 72 3.44 17.53 -8.80
CA ALA A 72 2.98 16.58 -7.76
C ALA A 72 4.11 16.24 -6.82
N ASP A 73 3.83 16.28 -5.53
CA ASP A 73 4.74 15.81 -4.50
C ASP A 73 4.54 14.33 -4.24
N VAL A 74 3.30 13.89 -4.34
CA VAL A 74 2.94 12.49 -4.12
C VAL A 74 1.98 12.04 -5.21
N VAL A 75 2.20 10.85 -5.76
CA VAL A 75 1.36 10.24 -6.77
C VAL A 75 0.96 8.85 -6.32
N ILE A 76 -0.34 8.59 -6.29
CA ILE A 76 -0.89 7.33 -5.81
C ILE A 76 -1.69 6.68 -6.94
N VAL A 77 -1.22 5.52 -7.38
CA VAL A 77 -1.74 4.87 -8.57
C VAL A 77 -2.64 3.70 -8.20
N THR A 78 -3.93 3.87 -8.43
CA THR A 78 -4.90 2.79 -8.30
C THR A 78 -5.47 2.33 -9.61
N ALA A 79 -5.21 3.06 -10.69
CA ALA A 79 -5.78 2.74 -11.98
C ALA A 79 -5.36 1.34 -12.44
N GLY A 80 -6.26 0.67 -13.14
CA GLY A 80 -5.94 -0.62 -13.73
C GLY A 80 -7.17 -1.49 -13.79
N PHE A 81 -7.15 -2.43 -14.72
CA PHE A 81 -8.20 -3.46 -14.81
C PHE A 81 -8.13 -4.45 -13.66
N THR A 82 -9.32 -4.78 -13.16
CA THR A 82 -9.51 -5.84 -12.19
C THR A 82 -10.45 -6.96 -12.69
N LYS A 83 -11.06 -6.79 -13.86
CA LYS A 83 -11.85 -7.87 -14.52
C LYS A 83 -11.64 -7.93 -16.04
N ARG A 94 -6.47 -12.58 -12.14
CA ARG A 94 -6.30 -13.33 -13.36
C ARG A 94 -5.09 -12.81 -14.17
N ASP A 95 -4.28 -13.76 -14.61
CA ASP A 95 -3.07 -13.49 -15.36
C ASP A 95 -3.26 -12.73 -16.67
N ASP A 96 -4.44 -12.80 -17.27
CA ASP A 96 -4.70 -12.15 -18.56
C ASP A 96 -4.67 -10.63 -18.49
N LEU A 97 -4.94 -10.10 -17.30
CA LEU A 97 -4.93 -8.66 -17.07
C LEU A 97 -3.51 -8.12 -16.95
N LEU A 98 -2.53 -9.00 -16.74
CA LEU A 98 -1.16 -8.57 -16.49
C LEU A 98 -0.57 -7.69 -17.59
N PRO A 99 -0.64 -8.11 -18.86
CA PRO A 99 -0.13 -7.26 -19.94
C PRO A 99 -0.92 -5.97 -20.14
N LEU A 100 -2.23 -5.96 -19.91
CA LEU A 100 -3.03 -4.74 -19.99
C LEU A 100 -2.59 -3.74 -18.91
N ASN A 101 -2.46 -4.23 -17.68
CA ASN A 101 -2.03 -3.37 -16.60
C ASN A 101 -0.59 -2.90 -16.76
N ASN A 102 0.28 -3.71 -17.35
CA ASN A 102 1.63 -3.27 -17.74
C ASN A 102 1.56 -2.02 -18.64
N LYS A 103 0.66 -2.04 -19.65
CA LYS A 103 0.53 -0.92 -20.58
C LYS A 103 0.07 0.36 -19.86
N ILE A 104 -0.80 0.19 -18.88
CA ILE A 104 -1.23 1.31 -18.04
C ILE A 104 -0.08 1.86 -17.20
N MET A 105 0.73 0.98 -16.60
CA MET A 105 1.90 1.44 -15.85
C MET A 105 2.89 2.15 -16.75
N ILE A 106 3.08 1.65 -17.96
CA ILE A 106 3.95 2.29 -18.93
C ILE A 106 3.48 3.71 -19.24
N GLU A 107 2.20 3.87 -19.50
CA GLU A 107 1.64 5.18 -19.86
C GLU A 107 1.82 6.15 -18.67
N ILE A 108 1.51 5.67 -17.47
CA ILE A 108 1.60 6.52 -16.29
C ILE A 108 3.03 6.89 -16.04
N GLY A 109 3.93 5.91 -16.16
CA GLY A 109 5.35 6.13 -15.91
C GLY A 109 5.95 7.20 -16.80
N GLY A 110 5.57 7.17 -18.07
CA GLY A 110 6.01 8.20 -19.01
C GLY A 110 5.58 9.60 -18.62
N HIS A 111 4.36 9.73 -18.13
CA HIS A 111 3.85 11.03 -17.65
C HIS A 111 4.51 11.47 -16.35
N ILE A 112 4.81 10.53 -15.46
CA ILE A 112 5.55 10.88 -14.26
C ILE A 112 6.96 11.39 -14.59
N LYS A 113 7.63 10.69 -15.50
CA LYS A 113 8.99 11.05 -15.89
C LYS A 113 8.97 12.46 -16.46
N LYS A 114 7.96 12.78 -17.26
CA LYS A 114 7.87 14.06 -17.94
C LYS A 114 7.50 15.18 -16.97
N ASN A 115 6.47 14.93 -16.17
CA ASN A 115 5.80 15.98 -15.36
C ASN A 115 6.22 16.12 -13.90
N CYS A 116 6.56 15.01 -13.24
CA CYS A 116 6.86 15.05 -11.82
C CYS A 116 7.90 14.00 -11.42
N PRO A 117 9.08 14.09 -12.02
CA PRO A 117 10.14 13.11 -11.75
C PRO A 117 10.62 13.10 -10.29
N ASN A 118 10.34 14.12 -9.51
CA ASN A 118 10.75 14.13 -8.10
C ASN A 118 9.64 13.76 -7.14
N ALA A 119 8.50 13.32 -7.69
CA ALA A 119 7.38 12.88 -6.87
C ALA A 119 7.70 11.57 -6.13
N PHE A 120 7.09 11.40 -4.95
CA PHE A 120 7.08 10.15 -4.24
C PHE A 120 5.86 9.37 -4.71
N ILE A 121 6.07 8.13 -5.13
CA ILE A 121 5.07 7.31 -5.79
C ILE A 121 4.64 6.13 -4.93
N ILE A 122 3.33 5.93 -4.80
CA ILE A 122 2.75 4.76 -4.15
C ILE A 122 1.86 4.04 -5.14
N VAL A 123 2.19 2.77 -5.38
CA VAL A 123 1.47 1.95 -6.33
C VAL A 123 0.60 1.01 -5.55
N VAL A 124 -0.64 0.89 -6.01
CA VAL A 124 -1.66 0.06 -5.40
C VAL A 124 -2.14 -1.06 -6.34
N THR A 125 -2.19 -0.76 -7.64
CA THR A 125 -2.65 -1.70 -8.65
C THR A 125 -2.09 -3.11 -8.51
N ASN A 126 -2.95 -4.11 -8.57
CA ASN A 126 -2.52 -5.47 -8.31
C ASN A 126 -2.20 -6.24 -9.61
N PRO A 127 -1.30 -7.22 -9.53
CA PRO A 127 -0.58 -7.57 -8.30
C PRO A 127 0.54 -6.57 -8.02
N VAL A 128 0.48 -5.96 -6.83
CA VAL A 128 1.27 -4.74 -6.53
C VAL A 128 2.77 -4.92 -6.60
N ASP A 129 3.29 -6.09 -6.23
CA ASP A 129 4.73 -6.27 -6.16
C ASP A 129 5.29 -6.35 -7.59
N VAL A 130 4.43 -6.74 -8.52
CA VAL A 130 4.78 -6.65 -9.94
C VAL A 130 4.61 -5.22 -10.49
N MET A 131 3.45 -4.61 -10.27
CA MET A 131 3.10 -3.33 -10.90
C MET A 131 3.99 -2.23 -10.41
N VAL A 132 4.40 -2.28 -9.14
CA VAL A 132 5.29 -1.25 -8.61
C VAL A 132 6.64 -1.25 -9.32
N GLN A 133 7.20 -2.44 -9.61
CA GLN A 133 8.49 -2.50 -10.29
C GLN A 133 8.33 -2.06 -11.75
N LEU A 134 7.24 -2.43 -12.40
CA LEU A 134 6.99 -1.96 -13.76
C LEU A 134 6.95 -0.42 -13.80
N LEU A 135 6.22 0.19 -12.86
CA LEU A 135 6.17 1.64 -12.80
C LEU A 135 7.52 2.25 -12.46
N HIS A 136 8.28 1.62 -11.59
CA HIS A 136 9.59 2.10 -11.24
C HIS A 136 10.43 2.21 -12.52
N GLN A 137 10.41 1.14 -13.28
CA GLN A 137 11.21 1.05 -14.48
C GLN A 137 10.79 2.08 -15.53
N HIS A 138 9.49 2.30 -15.71
CA HIS A 138 9.04 3.25 -16.74
C HIS A 138 9.00 4.71 -16.32
N SER A 139 8.98 4.98 -15.02
CA SER A 139 8.89 6.33 -14.52
C SER A 139 10.27 6.92 -14.39
N GLY A 140 11.28 6.05 -14.26
CA GLY A 140 12.63 6.50 -13.99
C GLY A 140 12.96 7.04 -12.61
N VAL A 141 12.02 6.96 -11.66
CA VAL A 141 12.30 7.54 -10.35
C VAL A 141 13.34 6.72 -9.56
N PRO A 142 13.98 7.36 -8.60
CA PRO A 142 14.91 6.65 -7.72
C PRO A 142 14.22 5.56 -6.89
N LYS A 143 14.98 4.53 -6.50
CA LYS A 143 14.41 3.36 -5.83
C LYS A 143 13.84 3.73 -4.47
N ASN A 144 14.35 4.79 -3.87
CA ASN A 144 13.82 5.26 -2.59
C ASN A 144 12.55 6.12 -2.70
N LYS A 145 12.06 6.33 -3.93
CA LYS A 145 10.93 7.20 -4.18
C LYS A 145 9.69 6.49 -4.71
N ILE A 146 9.66 5.15 -4.68
CA ILE A 146 8.48 4.42 -5.12
C ILE A 146 8.32 3.18 -4.26
N ILE A 147 7.09 2.96 -3.80
CA ILE A 147 6.77 1.78 -2.98
C ILE A 147 5.40 1.29 -3.37
N GLY A 148 5.08 0.06 -2.96
CA GLY A 148 3.79 -0.51 -3.15
C GLY A 148 3.05 -0.76 -1.83
N LEU A 149 1.73 -0.58 -1.85
CA LEU A 149 0.87 -0.95 -0.74
C LEU A 149 0.80 -2.49 -0.62
N GLY A 150 1.13 -3.00 0.57
CA GLY A 150 0.98 -4.41 0.86
C GLY A 150 0.87 -4.61 2.36
N GLY A 151 2.01 -4.59 3.04
CA GLY A 151 2.11 -5.01 4.42
C GLY A 151 1.30 -4.18 5.41
N VAL A 152 1.18 -2.88 5.22
CA VAL A 152 0.39 -2.07 6.16
C VAL A 152 -1.06 -2.58 6.11
N LEU A 153 -1.56 -2.87 4.92
CA LEU A 153 -2.95 -3.37 4.79
C LEU A 153 -3.11 -4.79 5.35
N ASP A 154 -2.24 -5.72 4.92
CA ASP A 154 -2.37 -7.12 5.37
C ASP A 154 -2.21 -7.22 6.87
N THR A 155 -1.21 -6.53 7.43
CA THR A 155 -1.02 -6.56 8.88
C THR A 155 -2.13 -5.85 9.64
N SER A 156 -2.84 -4.89 9.06
CA SER A 156 -3.95 -4.24 9.77
C SER A 156 -5.01 -5.29 10.17
N ARG A 157 -5.20 -6.26 9.30
CA ARG A 157 -6.15 -7.33 9.53
C ARG A 157 -5.70 -8.22 10.65
N LEU A 158 -4.43 -8.64 10.61
CA LEU A 158 -3.89 -9.55 11.62
C LEU A 158 -3.86 -8.88 12.98
N LYS A 159 -3.38 -7.64 13.00
CA LYS A 159 -3.34 -6.87 14.22
C LYS A 159 -4.75 -6.69 14.78
N TYR A 160 -5.69 -6.33 13.93
CA TYR A 160 -7.06 -6.07 14.39
C TYR A 160 -7.66 -7.35 15.01
N TYR A 161 -7.57 -8.46 14.28
CA TYR A 161 -8.20 -9.71 14.74
C TYR A 161 -7.61 -10.21 16.07
N ILE A 162 -6.29 -10.13 16.25
CA ILE A 162 -5.67 -10.49 17.53
C ILE A 162 -6.13 -9.55 18.64
N SER A 163 -6.20 -8.26 18.33
CA SER A 163 -6.60 -7.27 19.32
C SER A 163 -8.02 -7.51 19.86
N GLN A 164 -8.89 -8.01 19.02
CA GLN A 164 -10.26 -8.25 19.45
C GLN A 164 -10.33 -9.48 20.30
N LYS A 165 -9.51 -10.48 20.00
CA LYS A 165 -9.42 -11.67 20.84
C LYS A 165 -8.86 -11.32 22.20
N LEU A 166 -7.79 -10.51 22.23
CA LEU A 166 -7.12 -10.17 23.48
C LEU A 166 -7.74 -9.01 24.23
N ASN A 167 -8.72 -8.34 23.64
CA ASN A 167 -9.34 -7.17 24.25
C ASN A 167 -8.36 -6.04 24.57
N VAL A 168 -7.53 -5.73 23.58
CA VAL A 168 -6.59 -4.62 23.69
C VAL A 168 -6.78 -3.68 22.51
N CYS A 169 -6.24 -2.48 22.64
CA CYS A 169 -6.28 -1.48 21.58
C CYS A 169 -5.64 -2.05 20.29
N PRO A 170 -6.32 -1.96 19.17
CA PRO A 170 -5.76 -2.54 17.93
C PRO A 170 -4.32 -2.14 17.62
N ARG A 171 -3.99 -0.87 17.78
CA ARG A 171 -2.64 -0.36 17.49
C ARG A 171 -1.56 -1.01 18.34
N ASP A 172 -1.94 -1.50 19.54
CA ASP A 172 -1.00 -2.15 20.42
C ASP A 172 -0.59 -3.57 19.97
N VAL A 173 -1.24 -4.14 18.97
CA VAL A 173 -0.71 -5.37 18.41
C VAL A 173 0.16 -4.97 17.22
N ASN A 174 1.36 -5.51 17.16
CA ASN A 174 2.23 -5.26 16.00
C ASN A 174 2.55 -6.62 15.38
N ALA A 175 2.74 -6.62 14.07
CA ALA A 175 2.92 -7.88 13.36
C ALA A 175 3.58 -7.61 12.05
N HIS A 176 4.19 -8.66 11.47
CA HIS A 176 4.92 -8.57 10.21
C HIS A 176 4.43 -9.60 9.21
N ILE A 177 4.08 -9.10 8.04
CA ILE A 177 3.73 -9.93 6.91
C ILE A 177 4.61 -9.41 5.77
N VAL A 178 5.40 -10.31 5.18
CA VAL A 178 6.43 -9.93 4.23
C VAL A 178 6.35 -10.73 2.91
N GLY A 179 7.27 -10.41 2.01
CA GLY A 179 7.43 -11.13 0.75
C GLY A 179 6.61 -10.56 -0.37
N ALA A 180 5.29 -10.73 -0.27
CA ALA A 180 4.37 -10.21 -1.24
C ALA A 180 2.99 -9.96 -0.63
N HIS A 181 2.23 -9.11 -1.30
CA HIS A 181 0.82 -8.92 -1.05
C HIS A 181 0.14 -10.10 -1.76
N GLY A 182 -1.11 -10.37 -1.45
CA GLY A 182 -1.77 -11.49 -2.09
C GLY A 182 -1.53 -12.81 -1.38
N ASN A 183 -1.88 -13.90 -2.08
CA ASN A 183 -2.07 -15.20 -1.43
C ASN A 183 -0.79 -15.86 -0.96
N LYS A 184 0.36 -15.42 -1.46
CA LYS A 184 1.67 -15.94 -1.00
C LYS A 184 2.29 -15.08 0.12
N MET A 185 1.51 -14.17 0.68
CA MET A 185 2.00 -13.32 1.77
C MET A 185 2.58 -14.21 2.88
N VAL A 186 3.68 -13.79 3.47
CA VAL A 186 4.33 -14.55 4.52
C VAL A 186 4.02 -13.98 5.90
N LEU A 187 3.22 -14.69 6.68
CA LEU A 187 2.81 -14.24 8.02
C LEU A 187 3.79 -14.79 8.99
N LEU A 188 4.42 -13.92 9.78
CA LEU A 188 5.52 -14.32 10.61
C LEU A 188 5.07 -14.35 12.09
N LYS A 189 4.64 -15.51 12.54
CA LYS A 189 4.16 -15.68 13.93
C LYS A 189 5.16 -15.19 14.95
N ARG A 190 6.44 -15.46 14.68
CA ARG A 190 7.52 -15.11 15.59
C ARG A 190 7.66 -13.59 15.84
N TYR A 191 7.16 -12.77 14.92
CA TYR A 191 7.27 -11.29 15.01
C TYR A 191 5.93 -10.60 15.41
N ILE A 192 5.06 -11.31 16.11
CA ILE A 192 3.87 -10.69 16.64
C ILE A 192 4.10 -10.28 18.10
N THR A 193 3.67 -9.06 18.45
CA THR A 193 3.77 -8.56 19.81
C THR A 193 2.46 -7.89 20.22
N VAL A 194 2.27 -7.79 21.54
CA VAL A 194 1.08 -7.17 22.10
C VAL A 194 1.58 -6.22 23.17
N GLY A 195 1.34 -4.93 22.97
CA GLY A 195 1.93 -3.92 23.85
C GLY A 195 3.44 -4.08 23.95
N GLY A 196 4.08 -4.50 22.85
CA GLY A 196 5.52 -4.75 22.79
C GLY A 196 6.00 -6.06 23.42
N ILE A 197 5.07 -6.91 23.86
CA ILE A 197 5.40 -8.17 24.51
C ILE A 197 5.24 -9.30 23.49
N PRO A 198 6.15 -10.28 23.45
CA PRO A 198 6.00 -11.37 22.48
C PRO A 198 4.67 -12.08 22.66
N LEU A 199 3.98 -12.33 21.55
CA LEU A 199 2.70 -13.03 21.57
C LEU A 199 2.84 -14.38 22.27
N GLN A 200 3.99 -15.02 22.15
CA GLN A 200 4.17 -16.32 22.78
C GLN A 200 3.87 -16.27 24.27
N GLU A 201 4.08 -15.13 24.94
CA GLU A 201 3.77 -15.06 26.38
C GLU A 201 2.26 -15.24 26.61
N PHE A 202 1.46 -14.66 25.72
CA PHE A 202 -0.01 -14.77 25.77
C PHE A 202 -0.53 -16.16 25.40
N ILE A 203 0.24 -16.86 24.56
CA ILE A 203 -0.02 -18.26 24.27
C ILE A 203 0.33 -19.13 25.48
N ASN A 204 1.51 -18.92 26.09
CA ASN A 204 1.93 -19.64 27.30
C ASN A 204 0.93 -19.53 28.44
N ASN A 205 0.31 -18.35 28.53
CA ASN A 205 -0.71 -18.01 29.53
C ASN A 205 -2.11 -18.48 29.24
N LYS A 206 -2.32 -19.06 28.06
CA LYS A 206 -3.63 -19.55 27.59
C LYS A 206 -4.61 -18.45 27.30
N LEU A 207 -4.08 -17.01 27.13
CA LEU A 207 -5.02 -15.97 26.75
C LEU A 207 -5.42 -16.11 25.29
N ILE A 208 -4.55 -16.78 24.52
CA ILE A 208 -4.85 -17.10 23.11
C ILE A 208 -4.15 -18.40 22.75
N SER A 209 -4.81 -19.26 21.96
CA SER A 209 -4.24 -20.57 21.65
C SER A 209 -3.57 -20.54 20.29
N ASP A 210 -2.65 -21.48 20.07
CA ASP A 210 -2.09 -21.71 18.74
C ASP A 210 -3.16 -21.96 17.70
N ALA A 211 -4.18 -22.75 18.02
CA ALA A 211 -5.22 -23.04 17.03
C ALA A 211 -6.03 -21.81 16.64
N GLU A 212 -6.31 -20.95 17.63
CA GLU A 212 -7.01 -19.70 17.35
C GLU A 212 -6.22 -18.90 16.33
N LEU A 213 -4.70 -18.86 16.70
CA LEU A 213 -3.92 -18.02 15.81
C LEU A 213 -3.92 -18.55 14.40
N GLU A 214 -3.93 -19.87 14.22
CA GLU A 214 -3.92 -20.42 12.87
C GLU A 214 -5.18 -19.99 12.11
N ALA A 215 -6.31 -19.97 12.78
CA ALA A 215 -7.57 -19.52 12.19
C ALA A 215 -7.47 -18.02 11.81
N ILE A 216 -6.96 -17.21 12.72
CA ILE A 216 -6.72 -15.79 12.44
C ILE A 216 -5.74 -15.61 11.23
N PHE A 217 -4.70 -16.43 11.12
CA PHE A 217 -3.78 -16.32 9.96
C PHE A 217 -4.51 -16.64 8.66
N ASP A 218 -5.30 -17.70 8.68
CA ASP A 218 -6.06 -18.02 7.48
C ASP A 218 -7.02 -16.90 7.14
N ARG A 219 -7.65 -16.33 8.15
CA ARG A 219 -8.63 -15.30 7.90
C ARG A 219 -7.95 -14.07 7.30
N THR A 220 -6.73 -13.81 7.77
CA THR A 220 -5.93 -12.69 7.31
C THR A 220 -5.62 -12.84 5.84
N VAL A 221 -5.10 -14.00 5.46
CA VAL A 221 -4.73 -14.24 4.07
C VAL A 221 -5.96 -14.08 3.18
N ASN A 222 -7.11 -14.57 3.63
CA ASN A 222 -8.33 -14.59 2.88
C ASN A 222 -9.32 -13.44 3.10
N THR A 223 -8.85 -12.35 3.72
CA THR A 223 -9.76 -11.26 4.06
C THR A 223 -10.42 -10.58 2.85
N ALA A 224 -9.67 -10.28 1.81
CA ALA A 224 -10.26 -9.61 0.65
C ALA A 224 -11.35 -10.52 0.05
N LEU A 225 -11.07 -11.80 -0.04
CA LEU A 225 -12.06 -12.79 -0.49
C LEU A 225 -13.26 -12.82 0.43
N GLU A 226 -13.05 -12.82 1.75
CA GLU A 226 -14.15 -12.85 2.71
C GLU A 226 -15.07 -11.64 2.50
N ILE A 227 -14.47 -10.46 2.29
CA ILE A 227 -15.26 -9.25 2.06
C ILE A 227 -16.04 -9.30 0.75
N VAL A 228 -15.39 -9.74 -0.33
CA VAL A 228 -16.04 -9.89 -1.63
C VAL A 228 -17.20 -10.89 -1.56
N ASN A 229 -17.01 -11.97 -0.83
CA ASN A 229 -18.04 -13.00 -0.69
C ASN A 229 -19.22 -12.54 0.19
N LEU A 230 -19.00 -11.47 0.97
CA LEU A 230 -20.08 -10.81 1.68
C LEU A 230 -20.77 -9.72 0.84
N HIS A 231 -20.46 -9.65 -0.45
CA HIS A 231 -21.06 -8.68 -1.37
C HIS A 231 -20.67 -7.24 -1.01
N ALA A 232 -19.44 -7.08 -0.56
CA ALA A 232 -18.84 -5.75 -0.46
C ALA A 232 -17.51 -5.80 -1.20
N SER A 233 -16.76 -4.70 -1.18
CA SER A 233 -15.40 -4.79 -1.70
C SER A 233 -14.50 -3.95 -0.83
N PRO A 234 -13.26 -4.40 -0.69
CA PRO A 234 -12.29 -3.73 0.18
C PRO A 234 -11.75 -2.48 -0.45
N TYR A 235 -12.09 -1.34 0.14
CA TYR A 235 -11.45 -0.10 -0.23
C TYR A 235 -11.20 0.89 0.89
N VAL A 236 -11.92 0.78 1.99
CA VAL A 236 -11.71 1.71 3.10
C VAL A 236 -10.35 1.43 3.77
N ALA A 237 -10.05 0.17 4.14
CA ALA A 237 -8.75 -0.12 4.77
C ALA A 237 -7.57 0.11 3.82
N PRO A 238 -7.67 -0.33 2.57
CA PRO A 238 -6.64 0.02 1.60
C PRO A 238 -6.37 1.50 1.57
N ALA A 239 -7.43 2.31 1.54
CA ALA A 239 -7.28 3.76 1.49
C ALA A 239 -6.55 4.30 2.72
N ALA A 240 -6.99 3.86 3.89
CA ALA A 240 -6.39 4.31 5.13
C ALA A 240 -4.92 3.92 5.24
N ALA A 241 -4.59 2.70 4.79
CA ALA A 241 -3.23 2.23 4.79
C ALA A 241 -2.35 3.10 3.89
N ILE A 242 -2.85 3.43 2.69
CA ILE A 242 -2.09 4.27 1.78
C ILE A 242 -1.84 5.64 2.40
N ILE A 243 -2.88 6.20 2.98
CA ILE A 243 -2.75 7.52 3.59
C ILE A 243 -1.77 7.52 4.79
N GLU A 244 -1.70 6.42 5.53
CA GLU A 244 -0.73 6.33 6.62
C GLU A 244 0.67 6.39 6.03
N MET A 245 0.88 5.71 4.91
CA MET A 245 2.15 5.74 4.23
C MET A 245 2.45 7.14 3.69
N ALA A 246 1.49 7.72 2.98
CA ALA A 246 1.67 9.03 2.37
C ALA A 246 1.94 10.09 3.44
N GLU A 247 1.22 10.00 4.57
CA GLU A 247 1.40 10.95 5.65
C GLU A 247 2.80 10.85 6.28
N SER A 248 3.32 9.62 6.42
CA SER A 248 4.64 9.42 6.99
C SER A 248 5.70 10.13 6.17
N TYR A 249 5.53 10.04 4.85
CA TYR A 249 6.41 10.73 3.91
C TYR A 249 6.27 12.24 4.05
N LEU A 250 5.05 12.73 3.90
CA LEU A 250 4.78 14.16 3.90
C LEU A 250 5.15 14.90 5.18
N LYS A 251 4.95 14.24 6.33
CA LYS A 251 5.20 14.84 7.64
C LYS A 251 6.56 14.40 8.24
N ASP A 252 7.34 13.65 7.47
CA ASP A 252 8.62 13.15 7.91
C ASP A 252 8.49 12.45 9.26
N LEU A 253 7.50 11.56 9.37
CA LEU A 253 7.32 10.85 10.63
C LEU A 253 8.35 9.73 10.88
N LYS A 254 8.90 9.17 9.81
CA LYS A 254 9.86 8.07 9.91
C LYS A 254 9.27 6.82 10.57
N LYS A 255 7.99 6.56 10.27
CA LYS A 255 7.36 5.33 10.69
C LYS A 255 7.95 4.11 9.99
N VAL A 256 8.00 3.02 10.75
CA VAL A 256 8.36 1.73 10.24
C VAL A 256 7.04 1.15 9.72
N LEU A 257 6.95 0.93 8.40
CA LEU A 257 5.74 0.49 7.72
C LEU A 257 6.18 -0.57 6.69
N ILE A 258 5.43 -1.67 6.59
CA ILE A 258 5.80 -2.76 5.69
C ILE A 258 5.22 -2.47 4.31
N CYS A 259 6.11 -2.34 3.35
CA CYS A 259 5.74 -1.95 2.00
C CYS A 259 6.58 -2.72 0.99
N SER A 260 6.08 -2.73 -0.25
CA SER A 260 6.80 -3.32 -1.37
C SER A 260 7.88 -2.34 -1.87
N THR A 261 9.11 -2.79 -1.89
CA THR A 261 10.26 -1.93 -2.15
C THR A 261 11.31 -2.74 -2.86
N LEU A 262 12.21 -2.06 -3.54
CA LEU A 262 13.25 -2.75 -4.32
C LEU A 262 14.21 -3.48 -3.37
N LEU A 263 14.33 -4.78 -3.56
CA LEU A 263 15.33 -5.58 -2.85
C LEU A 263 16.66 -5.60 -3.63
N GLU A 264 17.73 -5.40 -2.87
CA GLU A 264 19.09 -5.32 -3.37
C GLU A 264 19.97 -6.28 -2.53
N GLY A 265 19.49 -7.51 -2.34
CA GLY A 265 20.24 -8.52 -1.62
C GLY A 265 19.59 -9.01 -0.35
N GLN A 266 18.65 -8.24 0.18
CA GLN A 266 17.96 -8.65 1.39
C GLN A 266 17.21 -9.93 1.13
N TYR A 267 17.28 -10.84 2.09
CA TYR A 267 16.62 -12.13 2.03
C TYR A 267 17.15 -13.00 0.87
N GLY A 268 18.29 -12.62 0.33
CA GLY A 268 18.93 -13.30 -0.79
C GLY A 268 18.40 -12.89 -2.15
N HIS A 269 17.61 -11.83 -2.21
CA HIS A 269 16.91 -11.39 -3.42
C HIS A 269 17.34 -10.02 -3.91
N SER A 270 17.54 -9.91 -5.23
CA SER A 270 17.85 -8.65 -5.90
C SER A 270 16.97 -8.50 -7.15
N ASP A 271 16.90 -7.27 -7.68
CA ASP A 271 16.27 -6.96 -8.97
C ASP A 271 14.81 -7.34 -8.98
N ILE A 272 14.12 -7.13 -7.64
CA ILE A 272 12.72 -7.52 -7.66
C ILE A 272 12.19 -6.68 -6.51
N PHE A 273 10.87 -6.47 -6.49
CA PHE A 273 10.24 -5.80 -5.36
C PHE A 273 9.56 -6.85 -4.50
N GLY A 274 9.56 -6.60 -3.19
CA GLY A 274 8.93 -7.47 -2.24
C GLY A 274 8.61 -6.72 -0.94
N GLY A 275 7.69 -7.25 -0.16
CA GLY A 275 7.27 -6.63 1.09
C GLY A 275 8.24 -6.80 2.23
N THR A 276 8.61 -5.68 2.83
CA THR A 276 9.48 -5.70 4.00
C THR A 276 9.31 -4.40 4.77
N PRO A 277 9.56 -4.40 6.08
CA PRO A 277 9.54 -3.13 6.81
C PRO A 277 10.55 -2.17 6.22
N VAL A 278 10.09 -0.95 5.98
CA VAL A 278 10.93 0.19 5.62
C VAL A 278 10.62 1.36 6.53
N VAL A 279 11.47 2.38 6.49
CA VAL A 279 11.24 3.62 7.23
C VAL A 279 10.89 4.70 6.21
N LEU A 280 9.71 5.31 6.33
CA LEU A 280 9.23 6.33 5.38
C LEU A 280 9.30 7.70 6.03
N GLY A 281 10.10 8.58 5.45
CA GLY A 281 10.19 9.95 5.89
C GLY A 281 10.36 10.87 4.70
N ALA A 282 10.87 12.06 4.95
CA ALA A 282 10.99 13.10 3.93
C ALA A 282 11.87 12.72 2.73
N ASN A 283 12.80 11.79 2.93
CA ASN A 283 13.65 11.31 1.83
C ASN A 283 13.11 10.02 1.20
N GLY A 284 11.82 9.75 1.39
CA GLY A 284 11.20 8.55 0.89
C GLY A 284 11.47 7.34 1.77
N VAL A 285 11.91 6.27 1.13
CA VAL A 285 12.41 5.08 1.82
C VAL A 285 13.80 5.43 2.34
N GLU A 286 13.87 5.74 3.63
CA GLU A 286 15.13 6.18 4.24
C GLU A 286 15.96 4.97 4.60
N GLN A 287 15.21 3.80 4.99
CA GLN A 287 15.88 2.57 5.40
C GLN A 287 15.05 1.42 4.91
N VAL A 288 15.73 0.36 4.50
CA VAL A 288 15.08 -0.91 4.23
C VAL A 288 15.52 -1.83 5.37
N ILE A 289 14.54 -2.36 6.11
CA ILE A 289 14.86 -3.25 7.24
C ILE A 289 14.72 -4.69 6.81
N GLU A 290 15.78 -5.45 7.02
CA GLU A 290 15.81 -6.85 6.69
C GLU A 290 15.62 -7.63 7.97
N LEU A 291 14.51 -8.35 8.05
CA LEU A 291 14.24 -9.19 9.19
C LEU A 291 15.18 -10.38 9.12
N GLN A 292 15.67 -10.80 10.26
CA GLN A 292 16.60 -11.92 10.38
C GLN A 292 15.81 -13.21 10.45
N LEU A 293 15.22 -13.56 9.31
CA LEU A 293 14.36 -14.72 9.13
C LEU A 293 15.15 -15.99 9.29
N ASN A 294 14.50 -17.06 9.74
CA ASN A 294 15.13 -18.38 9.81
C ASN A 294 14.92 -19.08 8.49
N SER A 295 15.45 -20.29 8.33
CA SER A 295 15.38 -20.95 7.02
C SER A 295 13.96 -21.27 6.60
N GLU A 296 13.08 -21.57 7.55
CA GLU A 296 11.70 -21.96 7.23
C GLU A 296 10.92 -20.71 6.74
N GLU A 297 11.20 -19.55 7.35
CA GLU A 297 10.54 -18.32 6.98
C GLU A 297 11.10 -17.86 5.64
N LYS A 298 12.41 -17.97 5.46
CA LYS A 298 13.03 -17.62 4.18
C LYS A 298 12.49 -18.48 3.05
N ALA A 299 12.19 -19.74 3.29
CA ALA A 299 11.57 -20.58 2.25
C ALA A 299 10.24 -20.00 1.78
N LYS A 300 9.40 -19.55 2.70
CA LYS A 300 8.11 -18.98 2.28
C LYS A 300 8.31 -17.64 1.59
N PHE A 301 9.32 -16.88 1.99
CA PHE A 301 9.63 -15.60 1.37
C PHE A 301 10.01 -15.89 -0.08
N ASP A 302 10.79 -16.96 -0.27
CA ASP A 302 11.21 -17.36 -1.61
C ASP A 302 10.03 -17.70 -2.51
N GLU A 303 9.03 -18.43 -2.00
CA GLU A 303 7.82 -18.76 -2.79
C GLU A 303 7.07 -17.50 -3.23
N ALA A 304 7.04 -16.49 -2.34
CA ALA A 304 6.35 -15.24 -2.63
C ALA A 304 7.03 -14.52 -3.80
N ILE A 305 8.35 -14.43 -3.74
CA ILE A 305 9.15 -13.81 -4.78
C ILE A 305 8.99 -14.58 -6.10
N ALA A 306 9.00 -15.91 -6.05
CA ALA A 306 8.85 -16.73 -7.26
C ALA A 306 7.56 -16.41 -8.00
N GLU A 307 6.51 -16.16 -7.24
CA GLU A 307 5.20 -15.88 -7.79
C GLU A 307 5.19 -14.46 -8.41
N THR A 308 5.81 -13.49 -7.73
CA THR A 308 5.94 -12.15 -8.28
C THR A 308 6.70 -12.23 -9.62
N LYS A 309 7.76 -13.02 -9.66
CA LYS A 309 8.53 -13.21 -10.89
C LYS A 309 7.78 -13.88 -12.03
N ARG A 310 6.99 -14.89 -11.71
CA ARG A 310 6.16 -15.58 -12.68
C ARG A 310 5.20 -14.59 -13.34
N MET A 311 4.53 -13.78 -12.53
CA MET A 311 3.59 -12.79 -13.05
C MET A 311 4.28 -11.63 -13.77
N LYS A 312 5.49 -11.27 -13.34
CA LYS A 312 6.21 -10.19 -13.98
C LYS A 312 6.56 -10.60 -15.44
N ALA A 313 6.90 -11.87 -15.63
CA ALA A 313 7.23 -12.41 -16.97
C ALA A 313 6.04 -12.38 -17.89
N LEU A 314 4.86 -12.74 -17.38
CA LEU A 314 3.64 -12.68 -18.17
C LEU A 314 3.21 -11.26 -18.53
N ALA A 315 3.62 -10.28 -17.72
CA ALA A 315 3.20 -8.89 -17.92
C ALA A 315 3.78 -8.27 -19.19
N HIS A 316 4.94 -8.78 -19.65
CA HIS A 316 5.68 -8.17 -20.78
C HIS A 316 5.25 -8.66 -22.15
O6 BIK B . -3.67 -10.17 -6.10
O6 BIK B . -6.71 -7.14 -0.59
C6 BIK B . -4.59 -9.41 -5.55
C6 BIK B . -6.68 -7.34 -1.83
C7 BIK B . -5.60 -8.86 -6.35
C7 BIK B . -7.70 -6.83 -2.62
C8 BIK B . -6.61 -8.04 -5.83
C8 BIK B . -7.67 -7.05 -4.00
C8A BIK B . -6.64 -7.73 -4.47
C8A BIK B . -6.63 -7.79 -4.57
C4A BIK B . -5.65 -8.25 -3.64
C4A BIK B . -5.61 -8.28 -3.77
C5 BIK B . -4.63 -9.08 -4.18
C5 BIK B . -5.62 -8.07 -2.40
C4 BIK B . -5.70 -7.91 -2.27
C4 BIK B . -4.56 -9.01 -4.35
C1 BIK B . -7.65 -6.88 -3.96
C1 BIK B . -6.61 -8.00 -5.94
C2 BIK B . -7.71 -6.54 -2.59
C2 BIK B . -5.56 -8.72 -6.52
O2 BIK B . -8.66 -5.81 -2.16
O2 BIK B . -5.59 -8.89 -7.75
C3 BIK B . -6.73 -7.08 -1.74
C3 BIK B . -4.53 -9.23 -5.73
C31 BIK B . -6.74 -6.76 -0.26
C31 BIK B . -3.37 -10.02 -6.32
O32 BIK B . -5.87 -7.23 0.53
O32 BIK B . -2.69 -10.71 -5.54
O31 BIK B . -7.66 -6.02 0.18
O31 BIK B . -3.10 -9.97 -7.54
#